data_6GGF
#
_entry.id   6GGF
#
_cell.length_a   65.110
_cell.length_b   71.209
_cell.length_c   105.351
_cell.angle_alpha   90.000
_cell.angle_beta   90.000
_cell.angle_gamma   90.000
#
_symmetry.space_group_name_H-M   'P 21 21 21'
#
loop_
_entity.id
_entity.type
_entity.pdbx_description
1 polymer 'Cellular tumor antigen p53'
2 non-polymer 'ZINC ION'
3 non-polymer [9-ethyl-7-(4-methylthiophen-2-yl)carbazol-3-yl]methyl-methyl-azanium
4 non-polymer GLYCEROL
5 water water
#
_entity_poly.entity_id   1
_entity_poly.type   'polypeptide(L)'
_entity_poly.pdbx_seq_one_letter_code
;SSSVPSQKTYQGSYGFRLGFLHSGTAKSVTCTYSPALNKLFCQLAKTCPVQLWVDSTPPPGTRVRAMAIYKQSQHMTEVV
RRCPHHERCSDSDGLAPPQHLIRVEGNLRAEYLDDRNTFRHSVVVPCEPPEVGSDCTTIHYNYMCYSSCMGGMNRRPILT
IITLEDSSGNLLGRDSFEVRVCACPGRDRRTEEENLRKKGEPHHELPPGSTKRALPNNT
;
_entity_poly.pdbx_strand_id   A,B
#
loop_
_chem_comp.id
_chem_comp.type
_chem_comp.name
_chem_comp.formula
EXQ non-polymer [9-ethyl-7-(4-methylthiophen-2-yl)carbazol-3-yl]methyl-methyl-azanium 'C21 H23 N2 S 1'
GOL non-polymer GLYCEROL 'C3 H8 O3'
ZN non-polymer 'ZINC ION' 'Zn 2'
#
# COMPACT_ATOMS: atom_id res chain seq x y z
N SER A 3 10.55 8.84 3.74
CA SER A 3 10.00 8.65 5.07
C SER A 3 9.43 7.23 5.20
N VAL A 4 8.88 6.72 4.10
CA VAL A 4 8.35 5.36 4.03
C VAL A 4 8.69 4.74 2.68
N PRO A 5 9.42 3.62 2.65
CA PRO A 5 9.75 2.99 1.36
C PRO A 5 8.50 2.45 0.67
N SER A 6 8.48 2.57 -0.66
CA SER A 6 7.37 2.04 -1.44
C SER A 6 7.32 0.51 -1.35
N GLN A 7 6.11 -0.03 -1.37
CA GLN A 7 5.91 -1.48 -1.40
C GLN A 7 5.16 -1.92 -2.65
N LYS A 8 5.08 -1.07 -3.67
CA LYS A 8 4.33 -1.41 -4.86
C LYS A 8 5.06 -2.47 -5.69
N THR A 9 4.35 -3.55 -6.01
CA THR A 9 4.91 -4.58 -6.86
C THR A 9 5.20 -4.00 -8.24
N TYR A 10 6.40 -4.27 -8.76
CA TYR A 10 6.84 -3.68 -10.02
C TYR A 10 7.76 -4.68 -10.69
N GLN A 11 7.30 -5.31 -11.77
CA GLN A 11 8.17 -6.29 -12.44
C GLN A 11 9.28 -5.61 -13.22
N GLY A 12 9.03 -4.44 -13.79
CA GLY A 12 10.04 -3.73 -14.53
C GLY A 12 10.42 -4.41 -15.84
N SER A 13 11.47 -3.90 -16.44
CA SER A 13 11.89 -4.32 -17.78
C SER A 13 12.34 -5.77 -17.83
N TYR A 14 12.80 -6.31 -16.70
CA TYR A 14 13.35 -7.66 -16.67
C TYR A 14 12.36 -8.71 -16.17
N GLY A 15 11.12 -8.33 -15.87
CA GLY A 15 10.13 -9.28 -15.39
C GLY A 15 10.49 -9.86 -14.03
N PHE A 16 10.93 -9.02 -13.10
CA PHE A 16 11.41 -9.46 -11.80
C PHE A 16 10.27 -9.87 -10.89
N ARG A 17 10.39 -11.03 -10.25
CA ARG A 17 9.45 -11.40 -9.20
C ARG A 17 10.08 -12.48 -8.32
N LEU A 18 9.50 -12.67 -7.13
CA LEU A 18 9.99 -13.66 -6.19
C LEU A 18 9.31 -15.02 -6.41
N GLY A 19 9.92 -16.05 -5.81
CA GLY A 19 9.27 -17.34 -5.71
C GLY A 19 9.63 -17.98 -4.38
N PHE A 20 8.78 -18.90 -3.94
CA PHE A 20 8.96 -19.58 -2.66
C PHE A 20 8.77 -21.08 -2.83
N LEU A 21 9.50 -21.85 -2.02
CA LEU A 21 9.34 -23.30 -2.01
C LEU A 21 7.98 -23.68 -1.42
N HIS A 22 7.63 -24.95 -1.57
CA HIS A 22 6.40 -25.51 -1.02
C HIS A 22 6.79 -26.45 0.11
N SER A 23 6.92 -25.89 1.31
CA SER A 23 7.51 -26.58 2.44
C SER A 23 6.49 -27.27 3.34
N GLY A 24 5.19 -27.00 3.14
CA GLY A 24 4.17 -27.63 3.95
C GLY A 24 4.04 -27.00 5.33
N THR A 25 3.17 -27.59 6.14
CA THR A 25 2.82 -27.01 7.43
C THR A 25 2.98 -27.99 8.60
N ALA A 26 3.83 -29.00 8.44
CA ALA A 26 4.10 -29.92 9.54
C ALA A 26 4.68 -29.17 10.73
N LYS A 27 4.46 -29.72 11.93
CA LYS A 27 4.92 -29.06 13.15
C LYS A 27 6.41 -28.79 13.13
N SER A 28 7.18 -29.62 12.42
CA SER A 28 8.63 -29.52 12.38
C SER A 28 9.17 -28.51 11.36
N VAL A 29 8.31 -27.92 10.53
CA VAL A 29 8.80 -27.06 9.46
C VAL A 29 9.42 -25.79 10.04
N THR A 30 10.53 -25.34 9.45
CA THR A 30 11.24 -24.18 9.98
C THR A 30 10.99 -22.92 9.18
N CYS A 31 10.46 -23.04 7.96
CA CYS A 31 10.18 -21.90 7.11
C CYS A 31 9.10 -22.37 6.14
N THR A 32 8.03 -21.60 6.03
CA THR A 32 6.94 -21.99 5.13
C THR A 32 6.20 -20.74 4.64
N TYR A 33 5.84 -20.75 3.36
CA TYR A 33 5.26 -19.58 2.72
C TYR A 33 3.81 -19.83 2.38
N SER A 34 2.94 -18.87 2.70
CA SER A 34 1.52 -18.94 2.39
C SER A 34 1.21 -18.06 1.19
N PRO A 35 0.93 -18.62 0.00
CA PRO A 35 0.47 -17.77 -1.10
C PRO A 35 -0.83 -17.05 -0.82
N ALA A 36 -1.75 -17.69 -0.10
CA ALA A 36 -3.05 -17.05 0.14
C ALA A 36 -2.91 -15.81 1.00
N LEU A 37 -1.93 -15.80 1.90
CA LEU A 37 -1.67 -14.65 2.75
C LEU A 37 -0.53 -13.76 2.26
N ASN A 38 0.19 -14.17 1.20
CA ASN A 38 1.48 -13.57 0.83
C ASN A 38 2.35 -13.34 2.07
N LYS A 39 2.58 -14.41 2.82
CA LYS A 39 3.19 -14.30 4.13
C LYS A 39 4.13 -15.48 4.36
N LEU A 40 5.37 -15.17 4.73
CA LEU A 40 6.37 -16.16 5.11
C LEU A 40 6.34 -16.33 6.63
N PHE A 41 6.34 -17.58 7.08
CA PHE A 41 6.41 -17.92 8.50
C PHE A 41 7.73 -18.65 8.73
N CYS A 42 8.53 -18.16 9.67
CA CYS A 42 9.83 -18.80 9.86
C CYS A 42 10.23 -18.76 11.33
N GLN A 43 11.10 -19.70 11.70
CA GLN A 43 11.73 -19.71 13.00
C GLN A 43 12.89 -18.73 13.07
N LEU A 44 13.27 -18.40 14.30
CA LEU A 44 14.32 -17.43 14.54
C LEU A 44 15.65 -17.92 13.99
N ALA A 45 16.29 -17.09 13.15
CA ALA A 45 17.64 -17.34 12.66
C ALA A 45 17.76 -18.59 11.82
N LYS A 46 16.67 -19.05 11.22
CA LYS A 46 16.70 -20.20 10.34
C LYS A 46 16.68 -19.76 8.88
N THR A 47 17.20 -20.64 8.02
CA THR A 47 17.33 -20.33 6.60
C THR A 47 15.97 -20.12 5.95
N CYS A 48 15.81 -19.01 5.25
CA CYS A 48 14.61 -18.71 4.48
C CYS A 48 15.00 -18.58 3.02
N PRO A 49 14.78 -19.61 2.21
CA PRO A 49 15.13 -19.52 0.78
C PRO A 49 14.11 -18.68 0.03
N VAL A 50 14.59 -17.67 -0.68
CA VAL A 50 13.74 -16.82 -1.50
C VAL A 50 14.29 -16.87 -2.91
N GLN A 51 13.46 -17.28 -3.85
CA GLN A 51 13.88 -17.36 -5.24
C GLN A 51 13.70 -16.02 -5.94
N LEU A 52 14.61 -15.73 -6.87
CA LEU A 52 14.53 -14.58 -7.75
C LEU A 52 14.31 -15.08 -9.17
N TRP A 53 13.29 -14.55 -9.84
CA TRP A 53 12.95 -14.91 -11.21
C TRP A 53 12.97 -13.65 -12.08
N VAL A 54 13.54 -13.76 -13.28
CA VAL A 54 13.47 -12.71 -14.28
C VAL A 54 13.15 -13.35 -15.63
N ASP A 55 12.55 -12.57 -16.52
CA ASP A 55 12.30 -13.00 -17.90
C ASP A 55 13.46 -12.71 -18.83
N SER A 56 14.33 -11.77 -18.48
CA SER A 56 15.50 -11.47 -19.28
C SER A 56 16.64 -11.06 -18.35
N THR A 57 17.84 -11.14 -18.89
CA THR A 57 19.05 -11.00 -18.07
C THR A 57 19.33 -9.54 -17.79
N PRO A 58 19.43 -9.14 -16.52
CA PRO A 58 19.75 -7.74 -16.21
C PRO A 58 21.23 -7.47 -16.39
N PRO A 59 21.64 -6.21 -16.41
CA PRO A 59 23.05 -5.86 -16.70
C PRO A 59 23.99 -6.27 -15.58
N PRO A 60 25.27 -6.45 -15.90
CA PRO A 60 26.27 -6.63 -14.84
C PRO A 60 26.24 -5.46 -13.87
N GLY A 61 26.35 -5.76 -12.58
CA GLY A 61 26.26 -4.75 -11.56
C GLY A 61 24.88 -4.56 -10.95
N THR A 62 23.86 -5.23 -11.48
CA THR A 62 22.55 -5.24 -10.86
C THR A 62 22.65 -5.87 -9.47
N ARG A 63 21.89 -5.34 -8.51
CA ARG A 63 21.91 -5.83 -7.14
C ARG A 63 20.50 -6.11 -6.64
N VAL A 64 20.42 -6.82 -5.51
CA VAL A 64 19.15 -7.23 -4.91
C VAL A 64 19.20 -6.82 -3.44
N ARG A 65 18.28 -5.95 -3.03
CA ARG A 65 18.25 -5.41 -1.68
C ARG A 65 17.02 -5.92 -0.93
N ALA A 66 17.18 -6.20 0.36
CA ALA A 66 16.07 -6.56 1.24
C ALA A 66 15.99 -5.57 2.40
N MET A 67 14.76 -5.17 2.73
CA MET A 67 14.51 -4.22 3.82
C MET A 67 13.17 -4.57 4.46
N ALA A 68 13.07 -4.41 5.77
CA ALA A 68 11.83 -4.65 6.48
C ALA A 68 11.18 -3.32 6.86
N ILE A 69 9.85 -3.26 6.76
CA ILE A 69 9.07 -2.13 7.27
C ILE A 69 7.89 -2.68 8.06
N TYR A 70 7.39 -1.87 8.99
CA TYR A 70 6.16 -2.26 9.66
C TYR A 70 4.98 -2.18 8.68
N LYS A 71 4.09 -3.15 8.78
CA LYS A 71 2.96 -3.24 7.86
C LYS A 71 1.88 -2.22 8.18
N GLN A 72 1.65 -1.95 9.47
CA GLN A 72 0.57 -1.06 9.87
C GLN A 72 0.98 0.40 9.70
N SER A 73 0.06 1.20 9.15
CA SER A 73 0.39 2.57 8.76
C SER A 73 0.88 3.40 9.94
N GLN A 74 0.30 3.18 11.13
CA GLN A 74 0.69 3.97 12.30
C GLN A 74 2.08 3.66 12.82
N HIS A 75 2.74 2.62 12.29
CA HIS A 75 4.10 2.28 12.68
C HIS A 75 5.08 2.35 11.52
N MET A 76 4.62 2.69 10.31
CA MET A 76 5.45 2.57 9.11
CA MET A 76 5.48 2.53 9.16
C MET A 76 6.69 3.45 9.17
N THR A 77 6.63 4.58 9.88
CA THR A 77 7.79 5.45 9.94
C THR A 77 8.85 4.98 10.94
N GLU A 78 8.54 3.98 11.77
CA GLU A 78 9.52 3.48 12.74
C GLU A 78 10.44 2.47 12.08
N VAL A 79 11.75 2.64 12.30
CA VAL A 79 12.74 1.71 11.74
C VAL A 79 12.55 0.34 12.38
N VAL A 80 12.47 -0.70 11.56
CA VAL A 80 12.45 -2.08 12.04
C VAL A 80 13.88 -2.46 12.42
N ARG A 81 14.07 -2.85 13.68
CA ARG A 81 15.39 -3.22 14.18
C ARG A 81 15.24 -4.37 15.16
N ARG A 82 16.38 -4.99 15.48
CA ARG A 82 16.37 -6.00 16.53
C ARG A 82 16.10 -5.37 17.89
N CYS A 83 15.52 -6.19 18.78
CA CYS A 83 15.07 -5.76 20.09
C CYS A 83 16.26 -5.52 21.02
N PRO A 84 16.03 -4.93 22.19
CA PRO A 84 17.16 -4.60 23.08
C PRO A 84 17.92 -5.81 23.55
N HIS A 85 17.29 -6.99 23.59
CA HIS A 85 18.01 -8.20 23.94
C HIS A 85 18.86 -8.69 22.78
N HIS A 86 18.23 -8.91 21.62
CA HIS A 86 18.93 -9.56 20.53
C HIS A 86 20.03 -8.69 19.93
N GLU A 87 19.90 -7.36 19.98
CA GLU A 87 21.00 -6.55 19.46
C GLU A 87 22.26 -6.66 20.32
N ARG A 88 22.15 -7.21 21.53
CA ARG A 88 23.27 -7.36 22.46
C ARG A 88 23.68 -8.80 22.71
N CYS A 89 23.19 -9.76 21.93
N CYS A 89 23.19 -9.75 21.90
CA CYS A 89 23.47 -11.15 22.27
CA CYS A 89 23.42 -11.17 22.16
C CYS A 89 24.73 -11.71 21.60
C CYS A 89 24.80 -11.64 21.73
N SER A 90 25.50 -10.88 20.88
CA SER A 90 26.79 -11.27 20.33
C SER A 90 26.69 -12.54 19.49
N ASP A 91 25.78 -12.49 18.52
CA ASP A 91 25.58 -13.58 17.57
C ASP A 91 25.96 -13.17 16.15
N SER A 92 26.87 -12.21 16.03
CA SER A 92 27.21 -11.67 14.71
C SER A 92 27.91 -12.72 13.86
N ASP A 93 27.66 -12.66 12.56
CA ASP A 93 28.35 -13.49 11.59
C ASP A 93 29.65 -12.84 11.10
N GLY A 94 30.10 -11.78 11.76
CA GLY A 94 31.26 -11.04 11.34
C GLY A 94 31.04 -10.05 10.23
N LEU A 95 29.79 -9.86 9.78
CA LEU A 95 29.50 -8.94 8.69
C LEU A 95 28.23 -8.13 8.96
N ALA A 96 27.19 -8.79 9.44
CA ALA A 96 25.94 -8.08 9.73
C ALA A 96 26.09 -7.28 11.00
N PRO A 97 25.70 -6.00 11.01
CA PRO A 97 25.66 -5.27 12.27
C PRO A 97 24.67 -5.93 13.21
N PRO A 98 24.94 -5.93 14.52
CA PRO A 98 24.05 -6.63 15.46
C PRO A 98 22.65 -6.07 15.53
N GLN A 99 22.41 -4.85 15.05
CA GLN A 99 21.09 -4.25 15.07
C GLN A 99 20.19 -4.73 13.94
N HIS A 100 20.74 -5.31 12.89
CA HIS A 100 19.95 -5.61 11.69
C HIS A 100 19.10 -6.86 11.85
N LEU A 101 17.80 -6.73 11.53
CA LEU A 101 16.91 -7.88 11.59
C LEU A 101 17.22 -8.90 10.50
N ILE A 102 17.43 -8.44 9.26
CA ILE A 102 17.58 -9.34 8.11
C ILE A 102 19.05 -9.52 7.80
N ARG A 103 19.49 -10.78 7.74
CA ARG A 103 20.82 -11.13 7.27
C ARG A 103 20.70 -11.99 6.01
N VAL A 104 21.76 -11.95 5.20
CA VAL A 104 21.95 -12.92 4.12
C VAL A 104 22.97 -13.94 4.58
N GLU A 105 22.63 -15.21 4.41
CA GLU A 105 23.50 -16.32 4.78
C GLU A 105 24.42 -16.69 3.62
N GLY A 106 25.69 -16.91 3.93
CA GLY A 106 26.59 -17.55 2.98
C GLY A 106 26.90 -16.76 1.73
N ASN A 107 26.99 -15.44 1.83
CA ASN A 107 27.36 -14.62 0.68
C ASN A 107 28.32 -13.55 1.18
N LEU A 108 29.62 -13.75 0.90
CA LEU A 108 30.63 -12.82 1.37
C LEU A 108 30.56 -11.47 0.67
N ARG A 109 29.74 -11.33 -0.37
CA ARG A 109 29.57 -10.06 -1.06
C ARG A 109 28.36 -9.30 -0.56
N ALA A 110 27.68 -9.79 0.47
CA ALA A 110 26.59 -9.04 1.07
C ALA A 110 27.13 -7.77 1.70
N GLU A 111 26.38 -6.68 1.53
CA GLU A 111 26.69 -5.41 2.15
C GLU A 111 25.49 -4.97 2.97
N TYR A 112 25.77 -4.41 4.13
CA TYR A 112 24.74 -3.97 5.07
C TYR A 112 24.78 -2.46 5.15
N LEU A 113 23.63 -1.83 4.94
CA LEU A 113 23.51 -0.38 4.87
C LEU A 113 22.71 0.11 6.07
N ASP A 114 23.27 1.10 6.78
CA ASP A 114 22.51 1.98 7.67
C ASP A 114 22.31 3.27 6.90
N ASP A 115 21.08 3.54 6.47
CA ASP A 115 20.85 4.70 5.61
C ASP A 115 21.13 5.98 6.39
N ARG A 116 21.96 6.85 5.80
CA ARG A 116 22.40 8.05 6.52
C ARG A 116 21.28 9.06 6.74
N ASN A 117 20.20 8.98 5.97
CA ASN A 117 19.09 9.93 6.09
C ASN A 117 17.85 9.34 6.74
N THR A 118 17.49 8.10 6.42
CA THR A 118 16.31 7.47 6.99
C THR A 118 16.62 6.57 8.18
N PHE A 119 17.88 6.22 8.39
CA PHE A 119 18.33 5.31 9.44
C PHE A 119 17.84 3.87 9.25
N ARG A 120 17.22 3.56 8.12
CA ARG A 120 16.73 2.21 7.92
C ARG A 120 17.87 1.27 7.57
N HIS A 121 17.66 0.00 7.88
CA HIS A 121 18.63 -1.04 7.62
C HIS A 121 18.25 -1.79 6.36
N SER A 122 19.26 -2.23 5.62
CA SER A 122 19.00 -3.13 4.50
C SER A 122 20.25 -3.95 4.24
N VAL A 123 20.06 -5.03 3.49
CA VAL A 123 21.17 -5.90 3.09
C VAL A 123 21.06 -6.12 1.60
N VAL A 124 22.18 -5.96 0.89
CA VAL A 124 22.17 -5.98 -0.56
C VAL A 124 23.27 -6.93 -1.06
N VAL A 125 22.95 -7.70 -2.11
CA VAL A 125 23.91 -8.61 -2.72
C VAL A 125 23.91 -8.40 -4.23
N PRO A 126 24.99 -8.79 -4.89
CA PRO A 126 24.97 -8.77 -6.37
C PRO A 126 23.94 -9.74 -6.89
N CYS A 127 23.25 -9.34 -7.95
CA CYS A 127 22.36 -10.25 -8.66
C CYS A 127 23.23 -11.20 -9.46
N GLU A 128 22.95 -12.50 -9.35
CA GLU A 128 23.74 -13.48 -10.07
C GLU A 128 22.83 -14.38 -10.89
N PRO A 129 23.31 -14.88 -12.03
CA PRO A 129 22.50 -15.80 -12.84
C PRO A 129 22.37 -17.15 -12.17
N PRO A 130 21.35 -17.92 -12.52
CA PRO A 130 21.22 -19.27 -11.96
C PRO A 130 22.43 -20.12 -12.29
N GLU A 131 22.73 -21.06 -11.38
CA GLU A 131 23.76 -22.04 -11.68
C GLU A 131 23.32 -22.89 -12.87
N VAL A 132 24.30 -23.46 -13.58
CA VAL A 132 24.00 -24.33 -14.70
C VAL A 132 23.12 -25.48 -14.22
N GLY A 133 22.01 -25.69 -14.91
CA GLY A 133 21.04 -26.70 -14.52
C GLY A 133 19.90 -26.18 -13.67
N SER A 134 19.95 -24.94 -13.23
CA SER A 134 18.90 -24.34 -12.43
CA SER A 134 18.90 -24.34 -12.43
C SER A 134 18.15 -23.29 -13.23
N ASP A 135 16.89 -23.06 -12.86
CA ASP A 135 16.05 -22.09 -13.55
C ASP A 135 15.95 -20.75 -12.84
N CYS A 136 16.43 -20.64 -11.60
CA CYS A 136 16.34 -19.38 -10.88
C CYS A 136 17.51 -19.29 -9.93
N THR A 137 17.64 -18.13 -9.29
CA THR A 137 18.64 -17.93 -8.26
C THR A 137 17.95 -17.82 -6.91
N THR A 138 18.59 -18.32 -5.87
CA THR A 138 18.02 -18.31 -4.53
C THR A 138 18.93 -17.54 -3.59
N ILE A 139 18.34 -16.65 -2.79
CA ILE A 139 19.03 -15.98 -1.70
C ILE A 139 18.54 -16.60 -0.40
N HIS A 140 19.44 -16.84 0.53
CA HIS A 140 19.10 -17.41 1.82
C HIS A 140 19.11 -16.30 2.86
N TYR A 141 17.93 -15.92 3.36
CA TYR A 141 17.80 -14.89 4.38
C TYR A 141 17.62 -15.51 5.77
N ASN A 142 18.01 -14.75 6.79
CA ASN A 142 17.71 -15.09 8.18
C ASN A 142 17.05 -13.89 8.83
N TYR A 143 16.06 -14.14 9.68
CA TYR A 143 15.42 -13.11 10.49
C TYR A 143 15.82 -13.30 11.94
N MET A 144 16.36 -12.24 12.56
CA MET A 144 17.15 -12.39 13.77
C MET A 144 16.44 -11.95 15.05
N CYS A 145 15.13 -11.73 14.99
CA CYS A 145 14.27 -11.48 16.15
C CYS A 145 12.93 -12.13 15.89
N TYR A 146 12.24 -12.49 16.98
CA TYR A 146 10.85 -12.94 16.87
C TYR A 146 9.93 -11.75 16.66
N SER A 147 8.82 -12.00 15.95
CA SER A 147 7.80 -10.96 15.82
C SER A 147 7.34 -10.45 17.18
N SER A 148 7.37 -11.31 18.20
CA SER A 148 6.88 -10.99 19.53
C SER A 148 7.89 -10.29 20.43
N CYS A 149 9.13 -10.09 19.98
CA CYS A 149 10.17 -9.61 20.90
C CYS A 149 9.79 -8.27 21.52
N MET A 150 9.76 -8.21 22.85
CA MET A 150 9.40 -6.96 23.51
C MET A 150 10.50 -5.91 23.31
N GLY A 151 10.08 -4.66 23.16
CA GLY A 151 11.01 -3.60 22.85
C GLY A 151 11.50 -3.55 21.42
N GLY A 152 11.14 -4.55 20.61
CA GLY A 152 11.46 -4.56 19.19
C GLY A 152 10.19 -4.59 18.37
N MET A 153 10.02 -5.63 17.55
CA MET A 153 8.80 -5.70 16.76
C MET A 153 7.55 -5.72 17.63
N ASN A 154 7.63 -6.38 18.80
CA ASN A 154 6.58 -6.30 19.82
C ASN A 154 5.19 -6.64 19.27
N ARG A 155 5.13 -7.74 18.52
CA ARG A 155 3.93 -8.34 17.94
C ARG A 155 3.40 -7.58 16.72
N ARG A 156 4.08 -6.53 16.27
CA ARG A 156 3.64 -5.78 15.10
C ARG A 156 4.08 -6.51 13.84
N PRO A 157 3.18 -6.75 12.89
CA PRO A 157 3.57 -7.41 11.64
CA PRO A 157 3.58 -7.41 11.65
C PRO A 157 4.51 -6.54 10.81
N ILE A 158 5.39 -7.21 10.07
CA ILE A 158 6.32 -6.55 9.17
C ILE A 158 6.17 -7.10 7.76
N LEU A 159 6.65 -6.30 6.82
CA LEU A 159 6.79 -6.71 5.42
CA LEU A 159 6.77 -6.69 5.42
C LEU A 159 8.27 -6.67 5.07
N THR A 160 8.70 -7.62 4.25
CA THR A 160 10.00 -7.52 3.61
C THR A 160 9.81 -7.05 2.19
N ILE A 161 10.55 -6.02 1.80
CA ILE A 161 10.54 -5.49 0.43
C ILE A 161 11.86 -5.89 -0.22
N ILE A 162 11.76 -6.56 -1.36
CA ILE A 162 12.94 -6.95 -2.13
C ILE A 162 12.96 -6.09 -3.40
N THR A 163 14.06 -5.36 -3.58
CA THR A 163 14.19 -4.49 -4.75
C THR A 163 15.35 -4.95 -5.63
N LEU A 164 15.09 -4.99 -6.93
CA LEU A 164 16.16 -5.15 -7.91
C LEU A 164 16.63 -3.76 -8.28
N GLU A 165 17.94 -3.53 -8.21
CA GLU A 165 18.51 -2.18 -8.36
C GLU A 165 19.64 -2.21 -9.39
N ASP A 166 19.84 -1.07 -10.07
CA ASP A 166 21.02 -0.93 -10.89
C ASP A 166 22.23 -0.57 -10.02
N SER A 167 23.39 -0.36 -10.66
CA SER A 167 24.61 -0.15 -9.92
C SER A 167 24.61 1.16 -9.12
N SER A 168 23.76 2.12 -9.49
CA SER A 168 23.58 3.36 -8.73
C SER A 168 22.55 3.25 -7.63
N GLY A 169 21.81 2.14 -7.55
CA GLY A 169 20.73 2.02 -6.62
C GLY A 169 19.37 2.42 -7.16
N ASN A 170 19.26 2.72 -8.45
CA ASN A 170 17.96 3.05 -9.03
C ASN A 170 17.10 1.80 -9.16
N LEU A 171 15.79 2.01 -9.08
CA LEU A 171 14.82 0.94 -9.06
C LEU A 171 14.71 0.26 -10.44
N LEU A 172 14.84 -1.07 -10.45
CA LEU A 172 14.53 -1.88 -11.63
C LEU A 172 13.34 -2.79 -11.43
N GLY A 173 13.06 -3.19 -10.19
CA GLY A 173 11.96 -4.10 -9.92
C GLY A 173 11.73 -4.17 -8.42
N ARG A 174 10.51 -4.58 -8.04
CA ARG A 174 10.16 -4.63 -6.61
C ARG A 174 9.13 -5.72 -6.38
N ASP A 175 9.27 -6.41 -5.25
CA ASP A 175 8.29 -7.39 -4.78
C ASP A 175 8.33 -7.35 -3.25
N SER A 176 7.36 -8.00 -2.62
CA SER A 176 7.30 -7.93 -1.16
C SER A 176 6.45 -9.07 -0.61
N PHE A 177 6.62 -9.33 0.68
CA PHE A 177 5.85 -10.36 1.38
C PHE A 177 5.84 -10.02 2.87
N GLU A 178 4.74 -10.37 3.52
CA GLU A 178 4.68 -10.26 4.98
C GLU A 178 5.52 -11.35 5.61
N VAL A 179 6.03 -11.10 6.83
CA VAL A 179 6.83 -12.08 7.56
C VAL A 179 6.34 -12.17 8.99
N ARG A 180 6.20 -13.39 9.49
CA ARG A 180 6.03 -13.64 10.92
C ARG A 180 7.17 -14.54 11.36
N VAL A 181 7.95 -14.11 12.33
CA VAL A 181 9.02 -14.92 12.90
C VAL A 181 8.48 -15.49 14.20
N CYS A 182 8.40 -16.82 14.29
CA CYS A 182 7.66 -17.43 15.38
C CYS A 182 8.22 -18.81 15.67
N ALA A 183 7.79 -19.39 16.79
CA ALA A 183 8.33 -20.66 17.22
C ALA A 183 7.80 -21.83 16.39
N CYS A 184 6.55 -21.76 15.92
CA CYS A 184 5.90 -22.86 15.21
C CYS A 184 5.28 -22.36 13.92
N PRO A 185 6.08 -22.15 12.88
CA PRO A 185 5.54 -21.59 11.63
C PRO A 185 4.48 -22.45 10.97
N GLY A 186 4.60 -23.78 11.05
CA GLY A 186 3.59 -24.63 10.42
C GLY A 186 2.22 -24.45 11.05
N ARG A 187 2.17 -24.46 12.39
CA ARG A 187 0.90 -24.26 13.06
C ARG A 187 0.35 -22.87 12.83
N ASP A 188 1.21 -21.85 12.86
CA ASP A 188 0.71 -20.50 12.68
C ASP A 188 0.21 -20.26 11.27
N ARG A 189 0.87 -20.83 10.25
CA ARG A 189 0.35 -20.73 8.90
C ARG A 189 -1.02 -21.39 8.79
N ARG A 190 -1.19 -22.58 9.39
CA ARG A 190 -2.49 -23.24 9.34
C ARG A 190 -3.56 -22.40 10.03
N THR A 191 -3.24 -21.83 11.19
CA THR A 191 -4.20 -21.03 11.92
C THR A 191 -4.61 -19.80 11.11
N GLU A 192 -3.63 -19.07 10.56
CA GLU A 192 -3.96 -17.85 9.85
C GLU A 192 -4.68 -18.13 8.54
N GLU A 193 -4.36 -19.24 7.87
CA GLU A 193 -5.10 -19.59 6.66
C GLU A 193 -6.53 -20.00 7.00
N GLU A 194 -6.74 -20.67 8.13
CA GLU A 194 -8.09 -21.00 8.56
C GLU A 194 -8.87 -19.73 8.91
N ASN A 195 -8.24 -18.80 9.62
CA ASN A 195 -8.90 -17.53 9.92
C ASN A 195 -9.31 -16.80 8.65
N LEU A 196 -8.44 -16.82 7.63
CA LEU A 196 -8.76 -16.17 6.36
C LEU A 196 -9.96 -16.83 5.69
N ARG A 197 -10.00 -18.16 5.68
CA ARG A 197 -11.12 -18.86 5.06
C ARG A 197 -12.43 -18.56 5.78
N LYS A 198 -12.38 -18.45 7.10
CA LYS A 198 -13.56 -18.12 7.88
C LYS A 198 -13.96 -16.66 7.63
N SER B 1 -14.65 29.78 6.52
CA SER B 1 -15.39 29.18 5.42
C SER B 1 -14.63 29.31 4.11
N SER B 2 -14.96 28.45 3.15
CA SER B 2 -14.31 28.46 1.84
C SER B 2 -15.38 28.35 0.76
N SER B 3 -15.04 28.83 -0.43
CA SER B 3 -15.92 28.66 -1.57
C SER B 3 -16.10 27.18 -1.88
N VAL B 4 -17.20 26.86 -2.56
CA VAL B 4 -17.62 25.48 -2.74
C VAL B 4 -17.26 25.03 -4.16
N PRO B 5 -16.38 24.04 -4.30
CA PRO B 5 -16.09 23.51 -5.64
C PRO B 5 -17.33 22.92 -6.28
N SER B 6 -17.42 23.06 -7.60
CA SER B 6 -18.55 22.50 -8.32
C SER B 6 -18.52 20.98 -8.26
N GLN B 7 -19.70 20.38 -8.16
CA GLN B 7 -19.84 18.93 -8.25
C GLN B 7 -20.61 18.50 -9.51
N LYS B 8 -20.85 19.42 -10.44
CA LYS B 8 -21.69 19.09 -11.59
C LYS B 8 -20.98 18.16 -12.55
N THR B 9 -21.66 17.10 -12.95
CA THR B 9 -21.09 16.15 -13.89
C THR B 9 -20.83 16.83 -15.23
N TYR B 10 -19.65 16.61 -15.79
CA TYR B 10 -19.25 17.28 -17.03
C TYR B 10 -18.29 16.34 -17.77
N GLN B 11 -18.78 15.71 -18.84
CA GLN B 11 -17.92 14.76 -19.54
C GLN B 11 -16.82 15.47 -20.32
N GLY B 12 -17.08 16.66 -20.84
CA GLY B 12 -16.08 17.40 -21.57
C GLY B 12 -15.73 16.76 -22.90
N SER B 13 -14.67 17.29 -23.52
CA SER B 13 -14.32 16.93 -24.88
C SER B 13 -13.85 15.48 -25.00
N TYR B 14 -13.34 14.90 -23.91
CA TYR B 14 -12.81 13.55 -23.95
C TYR B 14 -13.79 12.49 -23.50
N GLY B 15 -15.02 12.87 -23.13
CA GLY B 15 -16.00 11.90 -22.69
C GLY B 15 -15.64 11.25 -21.36
N PHE B 16 -15.18 12.05 -20.40
CA PHE B 16 -14.65 11.54 -19.15
C PHE B 16 -15.78 11.13 -18.21
N ARG B 17 -15.65 9.95 -17.61
CA ARG B 17 -16.57 9.52 -16.55
C ARG B 17 -15.91 8.41 -15.74
N LEU B 18 -16.47 8.17 -14.55
CA LEU B 18 -15.94 7.16 -13.66
C LEU B 18 -16.61 5.80 -13.88
N GLY B 19 -15.98 4.77 -13.31
CA GLY B 19 -16.61 3.47 -13.23
C GLY B 19 -16.17 2.79 -11.95
N PHE B 20 -16.94 1.78 -11.53
CA PHE B 20 -16.66 1.08 -10.29
C PHE B 20 -16.84 -0.42 -10.51
N LEU B 21 -16.05 -1.20 -9.77
CA LEU B 21 -16.18 -2.65 -9.80
C LEU B 21 -17.53 -3.07 -9.22
N HIS B 22 -17.91 -4.32 -9.47
CA HIS B 22 -19.11 -4.91 -8.89
C HIS B 22 -18.67 -5.91 -7.82
N SER B 23 -18.50 -5.41 -6.60
CA SER B 23 -17.89 -6.18 -5.53
C SER B 23 -18.88 -6.87 -4.62
N GLY B 24 -20.17 -6.58 -4.74
CA GLY B 24 -21.15 -7.25 -3.93
C GLY B 24 -21.24 -6.69 -2.52
N THR B 25 -22.03 -7.37 -1.69
CA THR B 25 -22.34 -6.86 -0.35
C THR B 25 -22.08 -7.89 0.74
N ALA B 26 -21.22 -8.87 0.49
CA ALA B 26 -20.88 -9.84 1.53
C ALA B 26 -20.24 -9.14 2.73
N LYS B 27 -20.38 -9.78 3.90
CA LYS B 27 -19.90 -9.16 5.13
C LYS B 27 -18.42 -8.82 5.07
N SER B 28 -17.65 -9.57 4.30
CA SER B 28 -16.20 -9.41 4.25
C SER B 28 -15.72 -8.33 3.28
N VAL B 29 -16.60 -7.78 2.45
CA VAL B 29 -16.17 -6.86 1.40
C VAL B 29 -15.60 -5.59 2.01
N THR B 30 -14.50 -5.09 1.43
CA THR B 30 -13.81 -3.93 1.97
C THR B 30 -14.20 -2.64 1.27
N CYS B 31 -14.75 -2.72 0.06
CA CYS B 31 -15.16 -1.56 -0.71
C CYS B 31 -16.25 -2.03 -1.65
N THR B 32 -17.37 -1.30 -1.71
CA THR B 32 -18.46 -1.67 -2.61
C THR B 32 -19.22 -0.43 -3.03
N TYR B 33 -19.63 -0.38 -4.29
CA TYR B 33 -20.26 0.80 -4.87
C TYR B 33 -21.73 0.51 -5.18
N SER B 34 -22.60 1.45 -4.80
CA SER B 34 -24.02 1.35 -5.09
C SER B 34 -24.38 2.29 -6.24
N PRO B 35 -24.66 1.76 -7.43
CA PRO B 35 -25.16 2.63 -8.51
C PRO B 35 -26.46 3.34 -8.16
N ALA B 36 -27.39 2.66 -7.47
CA ALA B 36 -28.67 3.28 -7.17
C ALA B 36 -28.51 4.50 -6.28
N LEU B 37 -27.52 4.49 -5.39
CA LEU B 37 -27.27 5.60 -4.48
C LEU B 37 -26.15 6.52 -4.97
N ASN B 38 -25.46 6.17 -6.06
CA ASN B 38 -24.18 6.79 -6.45
C ASN B 38 -23.28 6.99 -5.23
N LYS B 39 -23.03 5.90 -4.53
CA LYS B 39 -22.38 5.97 -3.23
C LYS B 39 -21.42 4.80 -3.05
N LEU B 40 -20.18 5.13 -2.70
CA LEU B 40 -19.14 4.16 -2.39
C LEU B 40 -19.12 3.94 -0.88
N PHE B 41 -19.06 2.68 -0.46
CA PHE B 41 -18.97 2.29 0.93
C PHE B 41 -17.64 1.58 1.11
N CYS B 42 -16.83 2.02 2.07
CA CYS B 42 -15.52 1.42 2.20
C CYS B 42 -15.07 1.40 3.65
N GLN B 43 -14.16 0.48 3.95
CA GLN B 43 -13.53 0.42 5.25
C GLN B 43 -12.40 1.43 5.35
N LEU B 44 -12.03 1.75 6.58
CA LEU B 44 -11.00 2.74 6.86
C LEU B 44 -9.67 2.32 6.23
N ALA B 45 -9.11 3.21 5.41
CA ALA B 45 -7.76 3.09 4.85
C ALA B 45 -7.59 1.92 3.89
N LYS B 46 -8.66 1.30 3.44
CA LYS B 46 -8.54 0.19 2.52
C LYS B 46 -8.59 0.67 1.07
N THR B 47 -8.14 -0.21 0.18
CA THR B 47 -8.06 0.13 -1.24
C THR B 47 -9.46 0.34 -1.82
N CYS B 48 -9.66 1.48 -2.46
CA CYS B 48 -10.90 1.79 -3.18
C CYS B 48 -10.55 1.99 -4.65
N PRO B 49 -10.82 1.00 -5.50
CA PRO B 49 -10.52 1.16 -6.94
C PRO B 49 -11.56 2.04 -7.60
N VAL B 50 -11.10 3.06 -8.32
CA VAL B 50 -11.96 3.94 -9.09
C VAL B 50 -11.47 3.91 -10.53
N GLN B 51 -12.36 3.56 -11.46
CA GLN B 51 -12.00 3.50 -12.86
C GLN B 51 -12.20 4.85 -13.53
N LEU B 52 -11.33 5.13 -14.49
CA LEU B 52 -11.43 6.30 -15.35
C LEU B 52 -11.67 5.83 -16.77
N TRP B 53 -12.71 6.39 -17.40
CA TRP B 53 -13.09 6.07 -18.76
C TRP B 53 -13.11 7.35 -19.60
N VAL B 54 -12.59 7.27 -20.83
CA VAL B 54 -12.70 8.36 -21.80
C VAL B 54 -13.02 7.77 -23.16
N ASP B 55 -13.66 8.59 -24.01
CA ASP B 55 -13.94 8.21 -25.39
C ASP B 55 -12.79 8.54 -26.34
N SER B 56 -11.90 9.43 -25.96
N SER B 56 -11.90 9.45 -25.96
CA SER B 56 -10.75 9.75 -26.79
CA SER B 56 -10.77 9.84 -26.77
C SER B 56 -9.55 10.05 -25.90
C SER B 56 -9.55 10.05 -25.88
N THR B 57 -8.37 9.91 -26.48
CA THR B 57 -7.14 9.98 -25.71
C THR B 57 -6.81 11.41 -25.32
N PRO B 58 -6.65 11.72 -24.03
CA PRO B 58 -6.25 13.08 -23.63
C PRO B 58 -4.76 13.29 -23.82
N PRO B 59 -4.30 14.53 -23.82
CA PRO B 59 -2.89 14.82 -24.13
C PRO B 59 -1.95 14.39 -23.01
N PRO B 60 -0.68 14.15 -23.33
CA PRO B 60 0.32 13.93 -22.26
C PRO B 60 0.33 15.11 -21.31
N GLY B 61 0.41 14.82 -20.02
CA GLY B 61 0.39 15.86 -19.01
C GLY B 61 -0.98 16.09 -18.40
N THR B 62 -2.02 15.47 -18.94
CA THR B 62 -3.33 15.47 -18.29
C THR B 62 -3.20 14.84 -16.91
N ARG B 63 -3.95 15.38 -15.93
CA ARG B 63 -3.90 14.87 -14.57
C ARG B 63 -5.32 14.60 -14.07
N VAL B 64 -5.39 13.88 -12.95
CA VAL B 64 -6.66 13.50 -12.33
C VAL B 64 -6.59 13.85 -10.86
N ARG B 65 -7.52 14.69 -10.40
CA ARG B 65 -7.54 15.20 -9.04
C ARG B 65 -8.76 14.69 -8.29
N ALA B 66 -8.58 14.40 -7.01
CA ALA B 66 -9.69 14.01 -6.12
C ALA B 66 -9.77 14.98 -4.96
N MET B 67 -10.99 15.37 -4.59
CA MET B 67 -11.25 16.27 -3.49
C MET B 67 -12.57 15.89 -2.85
N ALA B 68 -12.66 16.01 -1.52
CA ALA B 68 -13.91 15.75 -0.82
C ALA B 68 -14.59 17.05 -0.41
N ILE B 69 -15.92 17.05 -0.48
CA ILE B 69 -16.73 18.14 0.06
C ILE B 69 -17.89 17.55 0.87
N TYR B 70 -18.40 18.31 1.82
CA TYR B 70 -19.63 17.88 2.51
C TYR B 70 -20.82 18.00 1.58
N LYS B 71 -21.72 17.02 1.66
CA LYS B 71 -22.89 16.96 0.79
C LYS B 71 -23.97 17.96 1.20
N GLN B 72 -24.19 18.14 2.50
CA GLN B 72 -25.31 18.95 2.98
C GLN B 72 -25.03 20.44 2.85
N SER B 73 -26.11 21.19 2.60
CA SER B 73 -25.98 22.63 2.34
CA SER B 73 -26.00 22.63 2.35
C SER B 73 -25.30 23.36 3.49
N GLN B 74 -25.65 23.00 4.73
N GLN B 74 -25.64 23.02 4.74
CA GLN B 74 -25.12 23.69 5.91
CA GLN B 74 -25.07 23.79 5.85
C GLN B 74 -23.66 23.40 6.17
C GLN B 74 -23.62 23.43 6.14
N HIS B 75 -23.09 22.38 5.52
CA HIS B 75 -21.72 21.98 5.76
C HIS B 75 -20.81 22.14 4.56
N MET B 76 -21.34 22.43 3.38
CA MET B 76 -20.53 22.40 2.16
CA MET B 76 -20.53 22.39 2.17
C MET B 76 -19.41 23.43 2.18
N THR B 77 -19.55 24.53 2.93
CA THR B 77 -18.46 25.51 2.96
C THR B 77 -17.33 25.13 3.91
N GLU B 78 -17.48 24.06 4.69
CA GLU B 78 -16.43 23.65 5.62
C GLU B 78 -15.47 22.68 4.93
N VAL B 79 -14.16 22.90 5.11
CA VAL B 79 -13.16 22.01 4.54
C VAL B 79 -13.30 20.62 5.16
N VAL B 80 -13.34 19.59 4.31
CA VAL B 80 -13.32 18.21 4.77
C VAL B 80 -11.89 17.85 5.16
N ARG B 81 -11.68 17.46 6.40
CA ARG B 81 -10.34 17.12 6.87
C ARG B 81 -10.42 15.94 7.82
N ARG B 82 -9.26 15.35 8.11
CA ARG B 82 -9.23 14.30 9.13
C ARG B 82 -9.47 14.88 10.52
N CYS B 83 -9.96 14.01 11.40
CA CYS B 83 -10.42 14.38 12.72
C CYS B 83 -9.24 14.68 13.64
N PRO B 84 -9.50 15.24 14.83
CA PRO B 84 -8.38 15.59 15.73
C PRO B 84 -7.55 14.41 16.17
N HIS B 85 -8.13 13.20 16.22
CA HIS B 85 -7.34 12.02 16.54
C HIS B 85 -6.49 11.59 15.35
N HIS B 86 -7.11 11.37 14.20
CA HIS B 86 -6.38 10.77 13.09
C HIS B 86 -5.31 11.70 12.51
N GLU B 87 -5.52 13.02 12.55
CA GLU B 87 -4.48 13.90 12.06
C GLU B 87 -3.22 13.83 12.91
N ARG B 88 -3.32 13.29 14.14
CA ARG B 88 -2.19 13.18 15.07
C ARG B 88 -1.69 11.76 15.27
N CYS B 89 -2.09 10.80 14.44
N CYS B 89 -2.07 10.82 14.40
CA CYS B 89 -1.73 9.42 14.72
CA CYS B 89 -1.78 9.40 14.58
C CYS B 89 -0.49 8.92 13.96
C CYS B 89 -0.41 8.98 14.09
N SER B 90 0.30 9.83 13.37
CA SER B 90 1.60 9.47 12.77
C SER B 90 1.48 8.32 11.78
N ASP B 91 0.46 8.37 10.92
CA ASP B 91 0.27 7.32 9.92
C ASP B 91 0.54 7.81 8.50
N SER B 92 1.23 8.94 8.34
CA SER B 92 1.53 9.46 7.01
C SER B 92 2.57 8.58 6.32
N ASP B 93 2.47 8.52 4.99
CA ASP B 93 3.37 7.74 4.16
C ASP B 93 4.57 8.53 3.66
N GLY B 94 4.80 9.72 4.21
CA GLY B 94 5.85 10.59 3.72
C GLY B 94 5.43 11.52 2.61
N LEU B 95 4.31 11.24 1.94
CA LEU B 95 3.78 12.10 0.89
C LEU B 95 2.51 12.81 1.30
N ALA B 96 1.53 12.09 1.83
CA ALA B 96 0.26 12.68 2.20
C ALA B 96 0.41 13.46 3.51
N PRO B 97 0.01 14.73 3.55
CA PRO B 97 -0.04 15.41 4.84
C PRO B 97 -1.00 14.69 5.76
N PRO B 98 -0.73 14.66 7.06
CA PRO B 98 -1.59 13.90 7.98
C PRO B 98 -3.03 14.41 8.08
N GLN B 99 -3.29 15.65 7.62
CA GLN B 99 -4.64 16.21 7.66
C GLN B 99 -5.52 15.71 6.51
N HIS B 100 -4.94 15.16 5.44
CA HIS B 100 -5.72 14.87 4.24
C HIS B 100 -6.55 13.60 4.38
N LEU B 101 -7.85 13.70 4.09
CA LEU B 101 -8.71 12.53 4.14
C LEU B 101 -8.39 11.53 3.03
N ILE B 102 -8.18 12.01 1.81
CA ILE B 102 -8.04 11.15 0.64
C ILE B 102 -6.56 10.99 0.31
N ARG B 103 -6.10 9.75 0.23
CA ARG B 103 -4.78 9.43 -0.28
C ARG B 103 -4.89 8.60 -1.54
N VAL B 104 -3.84 8.64 -2.35
CA VAL B 104 -3.67 7.69 -3.45
C VAL B 104 -2.67 6.64 -2.99
N GLU B 105 -3.02 5.38 -3.22
CA GLU B 105 -2.20 4.24 -2.85
C GLU B 105 -1.35 3.81 -4.03
N GLY B 106 -0.06 3.58 -3.79
CA GLY B 106 0.81 3.00 -4.80
C GLY B 106 1.10 3.85 -6.03
N ASN B 107 1.29 5.15 -5.84
CA ASN B 107 1.68 6.02 -6.95
C ASN B 107 2.64 7.08 -6.42
N LEU B 108 3.93 6.90 -6.69
CA LEU B 108 4.92 7.86 -6.21
C LEU B 108 4.84 9.21 -6.90
N ARG B 109 4.03 9.34 -7.96
CA ARG B 109 3.84 10.64 -8.61
C ARG B 109 2.62 11.40 -8.06
N ALA B 110 1.96 10.87 -7.03
CA ALA B 110 0.87 11.58 -6.40
C ALA B 110 1.39 12.86 -5.75
N GLU B 111 0.66 13.95 -5.94
CA GLU B 111 0.94 15.23 -5.31
C GLU B 111 -0.25 15.66 -4.48
N TYR B 112 0.03 16.25 -3.32
CA TYR B 112 -0.99 16.67 -2.38
C TYR B 112 -1.00 18.19 -2.30
N LEU B 113 -2.17 18.79 -2.48
CA LEU B 113 -2.32 20.24 -2.49
C LEU B 113 -3.12 20.70 -1.28
N ASP B 114 -2.59 21.71 -0.58
CA ASP B 114 -3.36 22.54 0.34
C ASP B 114 -3.60 23.84 -0.40
N ASP B 115 -4.84 24.10 -0.80
CA ASP B 115 -5.09 25.26 -1.63
C ASP B 115 -4.82 26.54 -0.83
N ARG B 116 -4.00 27.43 -1.39
CA ARG B 116 -3.58 28.62 -0.65
C ARG B 116 -4.72 29.60 -0.42
N ASN B 117 -5.79 29.52 -1.20
CA ASN B 117 -6.92 30.45 -1.06
C ASN B 117 -8.11 29.84 -0.33
N THR B 118 -8.48 28.60 -0.68
CA THR B 118 -9.65 27.94 -0.12
C THR B 118 -9.31 27.02 1.04
N PHE B 119 -8.04 26.66 1.23
CA PHE B 119 -7.58 25.74 2.25
C PHE B 119 -8.05 24.32 2.05
N ARG B 120 -8.69 24.02 0.94
CA ARG B 120 -9.15 22.66 0.69
C ARG B 120 -8.01 21.75 0.28
N HIS B 121 -8.17 20.47 0.56
CA HIS B 121 -7.17 19.46 0.28
C HIS B 121 -7.53 18.71 -0.97
N SER B 122 -6.51 18.32 -1.74
CA SER B 122 -6.75 17.43 -2.86
C SER B 122 -5.49 16.63 -3.14
N VAL B 123 -5.66 15.55 -3.88
CA VAL B 123 -4.55 14.70 -4.32
C VAL B 123 -4.69 14.49 -5.82
N VAL B 124 -3.58 14.64 -6.54
CA VAL B 124 -3.59 14.64 -7.99
C VAL B 124 -2.49 13.70 -8.49
N VAL B 125 -2.80 12.96 -9.55
CA VAL B 125 -1.84 12.06 -10.18
C VAL B 125 -1.85 12.30 -11.69
N PRO B 126 -0.78 11.93 -12.37
CA PRO B 126 -0.82 11.97 -13.83
C PRO B 126 -1.84 10.98 -14.37
N CYS B 127 -2.56 11.40 -15.39
CA CYS B 127 -3.41 10.47 -16.12
C CYS B 127 -2.53 9.55 -16.96
N GLU B 128 -2.83 8.26 -16.93
CA GLU B 128 -2.07 7.30 -17.70
C GLU B 128 -3.02 6.44 -18.52
N PRO B 129 -2.58 5.91 -19.65
CA PRO B 129 -3.43 5.03 -20.44
C PRO B 129 -3.62 3.69 -19.74
N PRO B 130 -4.64 2.93 -20.12
CA PRO B 130 -4.84 1.61 -19.52
C PRO B 130 -3.64 0.71 -19.73
N GLU B 131 -3.38 -0.15 -18.74
CA GLU B 131 -2.36 -1.17 -18.89
C GLU B 131 -2.77 -2.15 -19.99
N VAL B 132 -1.77 -2.92 -20.46
CA VAL B 132 -2.05 -3.93 -21.48
C VAL B 132 -3.13 -4.88 -20.99
N GLY B 133 -4.06 -5.21 -21.88
CA GLY B 133 -5.14 -6.10 -21.50
C GLY B 133 -6.22 -5.51 -20.64
N SER B 134 -6.25 -4.20 -20.46
CA SER B 134 -7.31 -3.53 -19.71
C SER B 134 -7.94 -2.45 -20.58
N ASP B 135 -9.23 -2.20 -20.35
CA ASP B 135 -9.97 -1.20 -21.11
C ASP B 135 -10.06 0.15 -20.42
N CYS B 136 -9.61 0.26 -19.18
CA CYS B 136 -9.71 1.52 -18.47
C CYS B 136 -8.51 1.64 -17.54
N THR B 137 -8.36 2.82 -16.95
CA THR B 137 -7.31 3.08 -15.98
C THR B 137 -7.95 3.12 -14.60
N THR B 138 -7.26 2.57 -13.62
CA THR B 138 -7.76 2.53 -12.25
C THR B 138 -6.83 3.30 -11.34
N ILE B 139 -7.41 4.12 -10.47
CA ILE B 139 -6.70 4.76 -9.38
C ILE B 139 -7.17 4.10 -8.09
N HIS B 140 -6.23 3.81 -7.20
N HIS B 140 -6.23 3.86 -7.17
CA HIS B 140 -6.54 3.25 -5.87
CA HIS B 140 -6.53 3.24 -5.88
C HIS B 140 -6.51 4.39 -4.86
C HIS B 140 -6.50 4.33 -4.82
N TYR B 141 -7.67 4.68 -4.28
CA TYR B 141 -7.79 5.68 -3.24
C TYR B 141 -7.92 5.02 -1.87
N ASN B 142 -7.50 5.75 -0.84
CA ASN B 142 -7.71 5.35 0.55
C ASN B 142 -8.36 6.52 1.28
N TYR B 143 -9.37 6.23 2.09
CA TYR B 143 -10.03 7.23 2.93
C TYR B 143 -9.59 7.02 4.37
N MET B 144 -9.11 8.08 5.01
CA MET B 144 -8.30 7.95 6.21
C MET B 144 -9.00 8.34 7.51
N CYS B 145 -10.32 8.54 7.47
CA CYS B 145 -11.16 8.65 8.66
C CYS B 145 -12.47 7.95 8.39
N TYR B 146 -13.13 7.52 9.46
CA TYR B 146 -14.51 7.04 9.37
C TYR B 146 -15.45 8.23 9.19
N SER B 147 -16.57 7.99 8.49
CA SER B 147 -17.61 9.00 8.41
C SER B 147 -18.05 9.47 9.80
N SER B 148 -17.99 8.60 10.79
CA SER B 148 -18.44 8.93 12.14
C SER B 148 -17.40 9.63 13.01
N CYS B 149 -16.18 9.84 12.54
CA CYS B 149 -15.12 10.34 13.42
C CYS B 149 -15.52 11.63 14.12
N MET B 150 -15.45 11.59 15.45
CA MET B 150 -15.76 12.74 16.28
C MET B 150 -14.80 13.89 15.97
N GLY B 151 -15.36 15.10 15.82
CA GLY B 151 -14.54 16.27 15.53
C GLY B 151 -14.04 16.38 14.11
N GLY B 152 -14.31 15.39 13.28
CA GLY B 152 -14.01 15.44 11.85
C GLY B 152 -15.30 15.38 11.07
N MET B 153 -15.48 14.36 10.23
CA MET B 153 -16.70 14.27 9.45
C MET B 153 -17.93 14.17 10.36
N ASN B 154 -17.82 13.50 11.50
CA ASN B 154 -18.84 13.54 12.54
C ASN B 154 -20.23 13.17 12.01
N ARG B 155 -20.27 12.10 11.23
CA ARG B 155 -21.47 11.49 10.65
C ARG B 155 -22.05 12.29 9.48
N ARG B 156 -21.39 13.35 9.05
CA ARG B 156 -21.90 14.13 7.93
C ARG B 156 -21.49 13.50 6.61
N PRO B 157 -22.41 13.28 5.69
CA PRO B 157 -22.05 12.68 4.40
C PRO B 157 -21.14 13.57 3.57
N ILE B 158 -20.26 12.93 2.81
CA ILE B 158 -19.36 13.62 1.91
C ILE B 158 -19.52 13.10 0.49
N LEU B 159 -19.06 13.91 -0.44
CA LEU B 159 -18.88 13.53 -1.83
C LEU B 159 -17.40 13.62 -2.18
N THR B 160 -16.95 12.74 -3.05
CA THR B 160 -15.66 12.90 -3.71
C THR B 160 -15.90 13.41 -5.12
N ILE B 161 -15.18 14.46 -5.48
CA ILE B 161 -15.23 15.05 -6.81
C ILE B 161 -13.92 14.68 -7.51
N ILE B 162 -14.03 14.03 -8.67
CA ILE B 162 -12.87 13.67 -9.48
C ILE B 162 -12.87 14.57 -10.70
N THR B 163 -11.77 15.29 -10.88
CA THR B 163 -11.64 16.18 -12.03
C THR B 163 -10.50 15.73 -12.93
N LEU B 164 -10.76 15.70 -14.22
CA LEU B 164 -9.72 15.56 -15.23
C LEU B 164 -9.25 16.96 -15.58
N GLU B 165 -7.92 17.19 -15.54
CA GLU B 165 -7.36 18.53 -15.69
C GLU B 165 -6.23 18.51 -16.72
N ASP B 166 -6.02 19.65 -17.37
CA ASP B 166 -4.84 19.79 -18.20
C ASP B 166 -3.61 20.08 -17.33
N SER B 167 -2.46 20.29 -17.96
CA SER B 167 -1.24 20.44 -17.19
C SER B 167 -1.18 21.75 -16.41
N SER B 168 -2.02 22.74 -16.76
CA SER B 168 -2.16 23.97 -16.01
C SER B 168 -3.17 23.87 -14.88
N GLY B 169 -3.93 22.79 -14.81
CA GLY B 169 -5.00 22.68 -13.83
C GLY B 169 -6.36 23.09 -14.33
N ASN B 170 -6.50 23.41 -15.62
CA ASN B 170 -7.80 23.78 -16.16
C ASN B 170 -8.69 22.56 -16.30
N LEU B 171 -9.99 22.77 -16.10
CA LEU B 171 -10.96 21.68 -16.11
C LEU B 171 -11.12 21.07 -17.50
N LEU B 172 -11.01 19.74 -17.57
CA LEU B 172 -11.39 18.99 -18.77
C LEU B 172 -12.63 18.13 -18.58
N GLY B 173 -12.87 17.63 -17.37
CA GLY B 173 -14.02 16.79 -17.09
C GLY B 173 -14.20 16.66 -15.59
N ARG B 174 -15.42 16.29 -15.20
CA ARG B 174 -15.75 16.20 -13.77
C ARG B 174 -16.78 15.09 -13.55
N ASP B 175 -16.62 14.36 -12.46
CA ASP B 175 -17.60 13.38 -12.01
C ASP B 175 -17.52 13.34 -10.48
N SER B 176 -18.48 12.66 -9.84
CA SER B 176 -18.50 12.65 -8.39
C SER B 176 -19.31 11.47 -7.88
N PHE B 177 -19.10 11.15 -6.60
CA PHE B 177 -19.81 10.08 -5.93
C PHE B 177 -19.81 10.34 -4.43
N GLU B 178 -20.89 9.93 -3.76
CA GLU B 178 -20.93 9.99 -2.30
CA GLU B 178 -20.92 10.00 -2.30
C GLU B 178 -20.06 8.90 -1.72
N VAL B 179 -19.55 9.12 -0.50
CA VAL B 179 -18.72 8.13 0.17
C VAL B 179 -19.18 7.99 1.62
N ARG B 180 -19.26 6.74 2.08
CA ARG B 180 -19.39 6.44 3.50
C ARG B 180 -18.22 5.54 3.88
N VAL B 181 -17.41 5.97 4.84
CA VAL B 181 -16.33 5.15 5.36
C VAL B 181 -16.84 4.53 6.67
N CYS B 182 -16.90 3.20 6.71
CA CYS B 182 -17.60 2.52 7.79
C CYS B 182 -16.98 1.15 8.00
N ALA B 183 -17.35 0.53 9.13
CA ALA B 183 -16.79 -0.77 9.49
C ALA B 183 -17.32 -1.90 8.62
N CYS B 184 -18.58 -1.83 8.19
CA CYS B 184 -19.21 -2.93 7.45
C CYS B 184 -19.87 -2.39 6.20
N PRO B 185 -19.08 -2.12 5.16
CA PRO B 185 -19.65 -1.53 3.92
C PRO B 185 -20.72 -2.39 3.27
N GLY B 186 -20.58 -3.71 3.28
CA GLY B 186 -21.58 -4.56 2.65
C GLY B 186 -22.93 -4.46 3.33
N ARG B 187 -22.94 -4.54 4.65
CA ARG B 187 -24.18 -4.40 5.39
C ARG B 187 -24.77 -3.00 5.24
N ASP B 188 -23.92 -1.96 5.28
CA ASP B 188 -24.46 -0.61 5.17
C ASP B 188 -25.01 -0.33 3.78
N ARG B 189 -24.36 -0.86 2.73
CA ARG B 189 -24.93 -0.72 1.40
C ARG B 189 -26.27 -1.43 1.31
N ARG B 190 -26.37 -2.65 1.85
CA ARG B 190 -27.64 -3.37 1.84
C ARG B 190 -28.72 -2.59 2.56
N THR B 191 -28.40 -2.02 3.71
CA THR B 191 -29.38 -1.27 4.49
C THR B 191 -29.86 -0.04 3.74
N GLU B 192 -28.91 0.75 3.20
CA GLU B 192 -29.30 1.99 2.55
C GLU B 192 -30.05 1.73 1.24
N GLU B 193 -29.70 0.66 0.53
CA GLU B 193 -30.47 0.29 -0.66
C GLU B 193 -31.84 -0.23 -0.28
N GLU B 194 -31.97 -0.88 0.88
CA GLU B 194 -33.28 -1.30 1.36
C GLU B 194 -34.14 -0.09 1.73
N ASN B 195 -33.55 0.89 2.41
CA ASN B 195 -34.27 2.12 2.72
C ASN B 195 -34.74 2.81 1.45
N LEU B 196 -33.88 2.85 0.43
CA LEU B 196 -34.25 3.50 -0.83
C LEU B 196 -35.46 2.83 -1.46
N ARG B 197 -35.50 1.50 -1.45
CA ARG B 197 -36.64 0.79 -2.01
C ARG B 197 -37.92 1.05 -1.21
N LYS B 198 -37.80 1.15 0.10
CA LYS B 198 -38.96 1.37 0.97
C LYS B 198 -39.32 2.84 1.08
ZN ZN C . 14.53 -10.00 19.67
N1 EXQ D . 18.37 -14.42 -12.60
C1 EXQ D . 17.47 -15.27 -13.24
C2 EXQ D . 17.86 -15.46 -14.59
C3 EXQ D . 17.09 -16.29 -15.42
C4 EXQ D . 15.95 -16.93 -14.91
C5 EXQ D . 15.55 -16.73 -13.56
C6 EXQ D . 16.32 -15.91 -12.72
C7 EXQ D . 15.13 -17.81 -15.83
C8 EXQ D . 19.33 -14.05 -13.54
C9 EXQ D . 19.04 -14.68 -14.78
C10 EXQ D . 19.90 -14.44 -15.87
C11 EXQ D . 21.01 -13.59 -15.70
C12 EXQ D . 21.31 -12.96 -14.47
C13 EXQ D . 20.43 -13.19 -13.38
C14 EXQ D . 18.35 -13.95 -11.23
C15 EXQ D . 22.47 -12.08 -14.36
C16 EXQ D . 23.49 -11.86 -15.25
C17 EXQ D . 24.45 -10.91 -14.80
C18 EXQ D . 24.14 -10.41 -13.56
S1 EXQ D . 22.67 -11.10 -12.93
C19 EXQ D . 25.66 -10.51 -15.58
C20 EXQ D . 17.41 -12.75 -11.06
N2 EXQ D . 15.68 -19.18 -15.89
C21 EXQ D . 14.89 -20.10 -16.73
ZN ZN E . -10.77 10.13 12.16
N1 EXQ F . -7.60 6.56 -20.12
C1 EXQ F . -8.52 5.74 -20.77
C2 EXQ F . -8.13 5.57 -22.13
C3 EXQ F . -8.91 4.76 -22.98
C4 EXQ F . -10.06 4.14 -22.47
C5 EXQ F . -10.45 4.31 -21.12
C6 EXQ F . -9.68 5.11 -20.26
C7 EXQ F . -10.91 3.28 -23.38
C8 EXQ F . -6.64 6.93 -21.05
C9 EXQ F . -6.93 6.33 -22.31
C10 EXQ F . -6.06 6.57 -23.40
C11 EXQ F . -4.94 7.39 -23.23
C12 EXQ F . -4.65 7.99 -21.98
C13 EXQ F . -5.51 7.76 -20.89
C14 EXQ F . -7.65 6.99 -18.73
C15 EXQ F . -3.46 8.83 -21.84
C16 EXQ F . -2.43 9.01 -22.72
C17 EXQ F . -1.41 9.89 -22.27
C18 EXQ F . -1.69 10.40 -21.02
S1 EXQ F . -3.18 9.78 -20.40
C19 EXQ F . -0.19 10.24 -23.07
C20 EXQ F . -8.51 8.24 -18.59
N2 EXQ F . -10.37 1.92 -23.51
C21 EXQ F . -11.25 1.00 -24.25
C1 GOL G . -2.97 21.13 5.73
O1 GOL G . -3.07 19.81 5.23
C2 GOL G . -4.37 21.66 5.92
O2 GOL G . -4.92 21.28 7.15
C3 GOL G . -4.73 23.05 5.41
O3 GOL G . -6.13 23.12 5.19
#